data_4Q2E
#
_entry.id   4Q2E
#
_cell.length_a   142.080
_cell.length_b   142.080
_cell.length_c   198.373
_cell.angle_alpha   90.00
_cell.angle_beta   90.00
_cell.angle_gamma   120.00
#
_symmetry.space_group_name_H-M   'P 65 2 2'
#
loop_
_entity.id
_entity.type
_entity.pdbx_description
1 polymer 'Phosphatidate cytidylyltransferase'
2 non-polymer 'MERCURY (II) ION'
3 non-polymer 'MAGNESIUM ION'
4 non-polymer 'POTASSIUM ION'
#
_entity_poly.entity_id   1
_entity_poly.type   'polypeptide(L)'
_entity_poly.pdbx_seq_one_letter_code
;MGSSHHHHHHSSGLVPRGSHMDDLKTRVITASVVAPFVVLCFVSYESLIGLVSAILILAGYELITLEMKERDARFFYVIL
LALYPVLYGLVFEEPTQPLSILFITGVVFSLITDKDPSQVFKTVAAFSIALIYVTFFLSFFLPIYRDFGAANALLVLTST
WVFDSFAYFTGLKFGRTRISPRYSPRKSLEGVIGGFLGVVIYTFLYRLVVNDLLSVNVICFRTFLPFAATVAIMDTFGDI
FECALKRHYGVKDSGKTLPGHGGMLDRIDGLLFVAPVSYIVFKILEGVVR
;
_entity_poly.pdbx_strand_id   A,B
#
# COMPACT_ATOMS: atom_id res chain seq x y z
N ILE A 29 -20.65 27.07 -16.08
CA ILE A 29 -19.50 27.99 -15.86
C ILE A 29 -18.54 27.40 -14.81
N THR A 30 -18.25 26.11 -14.98
CA THR A 30 -17.37 25.34 -14.10
C THR A 30 -15.87 25.54 -14.31
N ALA A 31 -15.47 25.75 -15.56
CA ALA A 31 -14.06 25.95 -15.92
C ALA A 31 -13.41 27.26 -15.43
N SER A 32 -14.22 28.28 -15.10
CA SER A 32 -13.64 29.56 -14.64
C SER A 32 -13.46 29.62 -13.12
N VAL A 33 -14.42 29.06 -12.40
CA VAL A 33 -14.42 29.03 -10.93
C VAL A 33 -13.33 28.14 -10.29
N VAL A 34 -13.23 26.90 -10.77
CA VAL A 34 -12.29 25.88 -10.28
C VAL A 34 -10.80 26.25 -10.16
N ALA A 35 -10.16 26.53 -11.29
CA ALA A 35 -8.75 26.86 -11.33
C ALA A 35 -8.21 27.66 -10.13
N PRO A 36 -8.83 28.81 -9.81
CA PRO A 36 -8.38 29.66 -8.68
C PRO A 36 -8.57 29.06 -7.28
N PHE A 37 -9.66 28.31 -7.12
CA PHE A 37 -9.99 27.66 -5.84
C PHE A 37 -8.84 26.77 -5.37
N VAL A 38 -8.48 25.83 -6.23
CA VAL A 38 -7.39 24.87 -5.98
C VAL A 38 -6.15 25.59 -5.48
N VAL A 39 -5.68 26.53 -6.28
CA VAL A 39 -4.49 27.28 -5.95
C VAL A 39 -4.56 27.94 -4.58
N LEU A 40 -5.68 28.57 -4.28
CA LEU A 40 -5.85 29.24 -3.00
C LEU A 40 -5.75 28.24 -1.85
N CYS A 41 -5.96 26.97 -2.16
CA CYS A 41 -5.87 25.93 -1.14
C CYS A 41 -4.42 25.57 -0.83
N PHE A 42 -3.49 26.15 -1.57
CA PHE A 42 -2.08 25.90 -1.34
C PHE A 42 -1.52 26.91 -0.37
N VAL A 43 -2.41 27.74 0.18
CA VAL A 43 -2.05 28.79 1.14
C VAL A 43 -1.41 28.23 2.40
N SER A 44 -2.01 27.18 2.95
CA SER A 44 -1.47 26.58 4.16
C SER A 44 -1.40 25.09 3.96
N TYR A 45 -0.58 24.45 4.80
CA TYR A 45 -0.38 23.00 4.76
C TYR A 45 -1.71 22.35 5.09
N GLU A 46 -2.34 22.85 6.14
CA GLU A 46 -3.63 22.34 6.60
C GLU A 46 -4.69 22.48 5.51
N SER A 47 -4.49 23.48 4.65
CA SER A 47 -5.40 23.71 3.55
C SER A 47 -5.27 22.62 2.50
N LEU A 48 -4.03 22.32 2.10
CA LEU A 48 -3.78 21.28 1.08
C LEU A 48 -4.48 19.99 1.47
N ILE A 49 -4.32 19.63 2.74
CA ILE A 49 -4.94 18.44 3.30
C ILE A 49 -6.43 18.50 2.95
N GLY A 50 -7.03 19.65 3.23
CA GLY A 50 -8.44 19.86 2.94
C GLY A 50 -8.80 19.50 1.51
N LEU A 51 -8.08 20.05 0.54
CA LEU A 51 -8.37 19.77 -0.87
C LEU A 51 -8.20 18.28 -1.16
N VAL A 52 -7.08 17.73 -0.71
CA VAL A 52 -6.80 16.33 -0.96
C VAL A 52 -7.92 15.45 -0.44
N SER A 53 -8.26 15.62 0.83
CA SER A 53 -9.34 14.83 1.44
C SER A 53 -10.61 14.97 0.62
N ALA A 54 -10.85 16.19 0.14
CA ALA A 54 -12.02 16.49 -0.68
C ALA A 54 -11.90 15.88 -2.07
N ILE A 55 -10.77 16.08 -2.75
CA ILE A 55 -10.60 15.48 -4.07
C ILE A 55 -10.78 13.97 -3.92
N LEU A 56 -10.28 13.46 -2.81
CA LEU A 56 -10.36 12.03 -2.54
C LEU A 56 -11.77 11.48 -2.36
N ILE A 57 -12.66 12.22 -1.71
CA ILE A 57 -14.00 11.70 -1.53
C ILE A 57 -14.58 11.42 -2.90
N LEU A 58 -14.50 12.39 -3.79
CA LEU A 58 -15.02 12.28 -5.14
C LEU A 58 -14.31 11.23 -5.99
N ALA A 59 -12.99 11.27 -5.99
CA ALA A 59 -12.19 10.34 -6.77
C ALA A 59 -12.45 8.88 -6.40
N GLY A 60 -12.48 8.62 -5.11
CA GLY A 60 -12.72 7.28 -4.61
C GLY A 60 -14.15 6.85 -4.82
N TYR A 61 -15.08 7.76 -4.52
CA TYR A 61 -16.52 7.49 -4.67
C TYR A 61 -16.75 6.88 -6.04
N GLU A 62 -16.05 7.37 -7.05
CA GLU A 62 -16.20 6.88 -8.41
C GLU A 62 -15.57 5.53 -8.68
N LEU A 63 -14.32 5.33 -8.22
CA LEU A 63 -13.61 4.06 -8.44
C LEU A 63 -14.20 2.91 -7.64
N ILE A 64 -14.75 3.22 -6.48
CA ILE A 64 -15.35 2.21 -5.64
C ILE A 64 -16.77 1.86 -6.11
N THR A 65 -17.50 2.89 -6.56
CA THR A 65 -18.88 2.74 -7.05
C THR A 65 -18.94 1.89 -8.32
N LEU A 66 -17.82 1.76 -9.00
CA LEU A 66 -17.82 0.94 -10.20
C LEU A 66 -17.80 -0.53 -9.80
N GLU A 67 -17.30 -0.84 -8.61
CA GLU A 67 -17.29 -2.21 -8.13
C GLU A 67 -18.48 -2.54 -7.24
N MET A 68 -19.06 -1.51 -6.64
CA MET A 68 -20.21 -1.73 -5.79
C MET A 68 -21.33 -0.72 -6.03
N LYS A 69 -22.58 -1.20 -6.08
CA LYS A 69 -23.72 -0.32 -6.28
C LYS A 69 -24.70 -0.52 -5.11
N GLU A 70 -24.14 -1.11 -4.04
CA GLU A 70 -24.80 -1.41 -2.76
C GLU A 70 -24.89 -0.10 -1.99
N ARG A 71 -26.04 0.16 -1.36
CA ARG A 71 -26.23 1.38 -0.59
C ARG A 71 -25.09 1.46 0.43
N ASP A 72 -25.05 0.44 1.29
CA ASP A 72 -24.09 0.31 2.36
C ASP A 72 -22.62 0.42 1.96
N ALA A 73 -22.11 -0.70 1.43
CA ALA A 73 -20.72 -0.87 1.02
C ALA A 73 -19.96 0.38 0.65
N ARG A 74 -20.15 0.81 -0.60
CA ARG A 74 -19.50 1.98 -1.15
C ARG A 74 -19.04 2.99 -0.11
N PHE A 75 -20.02 3.60 0.53
CA PHE A 75 -19.79 4.64 1.51
C PHE A 75 -18.74 4.44 2.58
N PHE A 76 -18.70 3.26 3.18
CA PHE A 76 -17.72 3.00 4.23
C PHE A 76 -16.29 3.14 3.70
N TYR A 77 -15.96 2.37 2.67
CA TYR A 77 -14.64 2.38 2.06
C TYR A 77 -14.27 3.76 1.50
N VAL A 78 -15.28 4.48 1.02
CA VAL A 78 -15.05 5.80 0.47
C VAL A 78 -14.63 6.72 1.62
N ILE A 79 -15.25 6.56 2.79
CA ILE A 79 -14.89 7.39 3.94
C ILE A 79 -13.45 7.04 4.35
N LEU A 80 -13.09 5.75 4.29
CA LEU A 80 -11.75 5.31 4.65
C LEU A 80 -10.75 6.02 3.74
N LEU A 81 -10.94 5.90 2.43
CA LEU A 81 -10.06 6.53 1.45
C LEU A 81 -9.75 8.00 1.70
N ALA A 82 -10.76 8.74 2.12
CA ALA A 82 -10.62 10.16 2.40
C ALA A 82 -9.97 10.46 3.75
N LEU A 83 -10.10 9.54 4.69
CA LEU A 83 -9.53 9.73 6.01
C LEU A 83 -8.01 9.85 6.05
N TYR A 84 -7.35 9.08 5.20
CA TYR A 84 -5.90 9.03 5.16
C TYR A 84 -5.08 10.31 5.29
N PRO A 85 -5.29 11.29 4.39
CA PRO A 85 -4.55 12.55 4.44
C PRO A 85 -4.55 13.22 5.80
N VAL A 86 -5.72 13.25 6.44
CA VAL A 86 -5.82 13.86 7.74
C VAL A 86 -5.07 13.06 8.81
N LEU A 87 -5.10 11.73 8.66
CA LEU A 87 -4.42 10.83 9.61
C LEU A 87 -2.90 10.93 9.40
N TYR A 88 -2.49 10.82 8.13
CA TYR A 88 -1.08 10.90 7.73
C TYR A 88 -0.45 12.19 8.22
N GLY A 89 -0.99 13.30 7.72
CA GLY A 89 -0.46 14.62 8.04
C GLY A 89 -0.69 15.17 9.43
N LEU A 90 -1.91 15.06 9.95
CA LEU A 90 -2.23 15.58 11.27
C LEU A 90 -2.06 14.70 12.48
N VAL A 91 -2.46 13.43 12.40
CA VAL A 91 -2.33 12.55 13.55
C VAL A 91 -0.98 11.85 13.70
N PHE A 92 -0.68 10.93 12.79
CA PHE A 92 0.56 10.16 12.83
C PHE A 92 1.82 10.88 12.33
N GLU A 93 1.65 11.83 11.42
CA GLU A 93 2.79 12.56 10.85
C GLU A 93 3.78 11.53 10.35
N GLU A 94 3.22 10.39 9.96
CA GLU A 94 3.93 9.23 9.45
C GLU A 94 2.87 8.58 8.58
N PRO A 95 3.25 8.15 7.38
CA PRO A 95 2.31 7.51 6.44
C PRO A 95 1.97 6.03 6.62
N THR A 96 2.98 5.18 6.80
CA THR A 96 2.75 3.74 6.90
C THR A 96 1.74 3.26 7.93
N GLN A 97 1.64 3.93 9.06
CA GLN A 97 0.69 3.50 10.07
C GLN A 97 -0.77 3.60 9.66
N PRO A 98 -1.23 4.76 9.16
CA PRO A 98 -2.64 4.87 8.76
C PRO A 98 -2.96 4.00 7.58
N LEU A 99 -2.04 3.93 6.61
CA LEU A 99 -2.21 3.12 5.41
C LEU A 99 -2.63 1.72 5.82
N SER A 100 -1.91 1.16 6.78
CA SER A 100 -2.22 -0.17 7.28
C SER A 100 -3.55 -0.21 8.05
N ILE A 101 -3.82 0.79 8.91
CA ILE A 101 -5.06 0.82 9.70
C ILE A 101 -6.27 0.88 8.78
N LEU A 102 -6.19 1.68 7.72
CA LEU A 102 -7.29 1.81 6.78
C LEU A 102 -7.52 0.53 5.99
N PHE A 103 -6.42 -0.10 5.58
CA PHE A 103 -6.52 -1.38 4.84
C PHE A 103 -6.96 -2.56 5.73
N ILE A 104 -6.49 -2.57 6.98
CA ILE A 104 -6.91 -3.61 7.91
C ILE A 104 -8.40 -3.41 8.23
N THR A 105 -8.80 -2.18 8.54
CA THR A 105 -10.21 -1.86 8.84
C THR A 105 -11.11 -2.30 7.70
N GLY A 106 -10.63 -2.03 6.49
CA GLY A 106 -11.36 -2.39 5.28
C GLY A 106 -11.63 -3.87 5.22
N VAL A 107 -10.57 -4.67 5.27
CA VAL A 107 -10.70 -6.13 5.22
C VAL A 107 -11.62 -6.64 6.33
N VAL A 108 -11.52 -6.05 7.51
CA VAL A 108 -12.39 -6.42 8.64
C VAL A 108 -13.85 -6.18 8.29
N PHE A 109 -14.16 -4.94 7.93
CA PHE A 109 -15.51 -4.55 7.55
C PHE A 109 -16.08 -5.46 6.46
N SER A 110 -15.30 -5.70 5.42
CA SER A 110 -15.71 -6.55 4.31
C SER A 110 -16.12 -7.93 4.78
N LEU A 111 -15.33 -8.50 5.68
CA LEU A 111 -15.63 -9.81 6.19
C LEU A 111 -17.01 -9.83 6.82
N ILE A 112 -17.35 -8.74 7.50
CA ILE A 112 -18.66 -8.62 8.14
C ILE A 112 -19.79 -8.42 7.13
N THR A 113 -19.64 -7.45 6.23
CA THR A 113 -20.70 -7.17 5.27
C THR A 113 -20.93 -8.23 4.19
N ASP A 114 -19.91 -8.51 3.38
CA ASP A 114 -20.03 -9.51 2.31
C ASP A 114 -19.94 -10.91 2.90
N LYS A 115 -21.07 -11.61 3.00
CA LYS A 115 -21.05 -12.95 3.56
C LYS A 115 -20.54 -14.01 2.59
N ASP A 116 -20.32 -13.60 1.35
CA ASP A 116 -19.80 -14.48 0.32
C ASP A 116 -18.28 -14.26 0.35
N PRO A 117 -17.49 -15.35 0.48
CA PRO A 117 -16.01 -15.28 0.52
C PRO A 117 -15.32 -14.86 -0.78
N SER A 118 -15.70 -15.47 -1.90
CA SER A 118 -15.12 -15.13 -3.19
C SER A 118 -15.50 -13.73 -3.62
N GLN A 119 -16.49 -13.15 -2.94
CA GLN A 119 -16.94 -11.79 -3.21
C GLN A 119 -16.21 -10.79 -2.30
N VAL A 120 -15.77 -11.26 -1.13
CA VAL A 120 -15.02 -10.42 -0.19
C VAL A 120 -13.76 -10.01 -0.93
N PHE A 121 -13.23 -10.94 -1.72
CA PHE A 121 -12.02 -10.70 -2.51
C PHE A 121 -12.18 -9.51 -3.43
N LYS A 122 -13.21 -9.56 -4.27
CA LYS A 122 -13.48 -8.49 -5.22
C LYS A 122 -13.55 -7.09 -4.60
N THR A 123 -14.26 -6.97 -3.48
CA THR A 123 -14.39 -5.67 -2.82
C THR A 123 -13.05 -5.19 -2.24
N VAL A 124 -12.27 -6.12 -1.71
CA VAL A 124 -10.98 -5.76 -1.16
C VAL A 124 -10.05 -5.43 -2.31
N ALA A 125 -10.16 -6.16 -3.41
CA ALA A 125 -9.32 -5.91 -4.58
C ALA A 125 -9.57 -4.52 -5.10
N ALA A 126 -10.83 -4.14 -5.15
CA ALA A 126 -11.20 -2.81 -5.60
C ALA A 126 -10.70 -1.78 -4.58
N PHE A 127 -11.01 -2.00 -3.32
CA PHE A 127 -10.59 -1.13 -2.24
C PHE A 127 -9.06 -1.00 -2.23
N SER A 128 -8.39 -2.08 -2.60
CA SER A 128 -6.93 -2.18 -2.67
C SER A 128 -6.32 -1.33 -3.75
N ILE A 129 -6.88 -1.40 -4.95
CA ILE A 129 -6.34 -0.58 -6.03
C ILE A 129 -6.67 0.88 -5.68
N ALA A 130 -7.85 1.10 -5.10
CA ALA A 130 -8.29 2.43 -4.71
C ALA A 130 -7.31 3.04 -3.71
N LEU A 131 -6.96 2.27 -2.69
CA LEU A 131 -6.04 2.75 -1.66
C LEU A 131 -4.69 3.20 -2.20
N ILE A 132 -3.98 2.31 -2.89
CA ILE A 132 -2.67 2.66 -3.43
C ILE A 132 -2.67 3.81 -4.43
N TYR A 133 -3.38 3.59 -5.54
CA TYR A 133 -3.51 4.51 -6.68
C TYR A 133 -4.19 5.86 -6.42
N VAL A 134 -5.36 5.84 -5.83
CA VAL A 134 -6.05 7.08 -5.55
C VAL A 134 -5.55 7.72 -4.25
N THR A 135 -5.87 7.13 -3.10
CA THR A 135 -5.46 7.69 -1.80
C THR A 135 -3.96 7.84 -1.45
N PHE A 136 -3.19 6.76 -1.58
CA PHE A 136 -1.78 6.77 -1.24
C PHE A 136 -0.96 7.63 -2.19
N PHE A 137 -1.35 7.61 -3.45
CA PHE A 137 -0.66 8.38 -4.47
C PHE A 137 -0.99 9.90 -4.46
N LEU A 138 -2.28 10.24 -4.43
CA LEU A 138 -2.69 11.65 -4.40
C LEU A 138 -2.18 12.33 -3.16
N SER A 139 -2.11 11.57 -2.09
CA SER A 139 -1.63 12.10 -0.83
C SER A 139 -0.20 12.57 -0.94
N PHE A 140 0.47 12.25 -2.04
CA PHE A 140 1.86 12.65 -2.18
C PHE A 140 2.18 14.14 -2.27
N PHE A 141 1.15 14.99 -2.37
CA PHE A 141 1.38 16.44 -2.38
C PHE A 141 1.78 16.80 -0.98
N LEU A 142 1.22 16.06 -0.02
CA LEU A 142 1.49 16.24 1.41
C LEU A 142 2.98 16.26 1.71
N PRO A 143 3.71 15.18 1.38
CA PRO A 143 5.14 15.29 1.69
C PRO A 143 5.77 16.38 0.84
N ILE A 144 5.45 16.40 -0.46
CA ILE A 144 6.00 17.40 -1.35
C ILE A 144 5.84 18.80 -0.80
N TYR A 145 4.69 19.06 -0.19
CA TYR A 145 4.41 20.39 0.37
C TYR A 145 5.40 20.75 1.49
N ARG A 146 5.36 19.99 2.59
CA ARG A 146 6.24 20.27 3.72
C ARG A 146 7.72 20.11 3.42
N ASP A 147 8.08 19.06 2.71
CA ASP A 147 9.48 18.81 2.40
C ASP A 147 10.06 19.56 1.20
N PHE A 148 9.23 20.23 0.41
CA PHE A 148 9.74 20.95 -0.76
C PHE A 148 9.13 22.32 -1.07
N GLY A 149 8.28 22.82 -0.18
CA GLY A 149 7.67 24.13 -0.39
C GLY A 149 6.47 24.19 -1.33
N ALA A 150 5.35 24.69 -0.79
CA ALA A 150 4.08 24.83 -1.51
C ALA A 150 4.26 25.29 -2.94
N ALA A 151 5.35 26.02 -3.17
CA ALA A 151 5.71 26.54 -4.47
C ALA A 151 5.79 25.38 -5.44
N ASN A 152 6.72 24.46 -5.15
CA ASN A 152 6.94 23.26 -5.96
C ASN A 152 5.67 22.41 -5.99
N ALA A 153 4.99 22.36 -4.85
CA ALA A 153 3.76 21.59 -4.72
C ALA A 153 2.80 21.99 -5.84
N LEU A 154 2.62 23.29 -5.97
CA LEU A 154 1.74 23.87 -6.99
C LEU A 154 2.29 23.63 -8.40
N LEU A 155 3.61 23.55 -8.51
CA LEU A 155 4.26 23.32 -9.79
C LEU A 155 3.96 21.92 -10.31
N VAL A 156 3.97 20.94 -9.43
CA VAL A 156 3.70 19.57 -9.83
C VAL A 156 2.30 19.47 -10.43
N LEU A 157 1.29 19.89 -9.67
CA LEU A 157 -0.09 19.83 -10.13
C LEU A 157 -0.33 20.51 -11.47
N THR A 158 0.22 21.71 -11.63
CA THR A 158 0.06 22.49 -12.86
C THR A 158 0.80 21.95 -14.09
N SER A 159 1.98 21.38 -13.87
CA SER A 159 2.78 20.82 -14.95
C SER A 159 2.00 19.79 -15.72
N THR A 160 1.08 19.13 -15.03
CA THR A 160 0.23 18.13 -15.67
C THR A 160 -0.85 18.84 -16.49
N TRP A 161 -1.50 19.85 -15.89
CA TRP A 161 -2.53 20.63 -16.59
C TRP A 161 -1.88 21.05 -17.94
N VAL A 162 -0.63 21.52 -17.81
CA VAL A 162 0.15 21.98 -18.94
C VAL A 162 0.59 20.85 -19.86
N PHE A 163 0.90 19.68 -19.29
CA PHE A 163 1.33 18.58 -20.15
C PHE A 163 0.21 18.20 -21.10
N ASP A 164 -0.99 17.99 -20.55
CA ASP A 164 -2.15 17.61 -21.37
C ASP A 164 -2.47 18.64 -22.46
N SER A 165 -2.24 19.92 -22.17
CA SER A 165 -2.47 20.98 -23.15
C SER A 165 -1.46 20.94 -24.28
N PHE A 166 -0.17 21.00 -23.94
CA PHE A 166 0.89 20.96 -24.95
C PHE A 166 0.92 19.69 -25.79
N ALA A 167 0.48 18.58 -25.20
CA ALA A 167 0.43 17.29 -25.87
C ALA A 167 -0.75 17.25 -26.83
N TYR A 168 -1.76 18.08 -26.55
CA TYR A 168 -2.96 18.15 -27.37
C TYR A 168 -2.68 18.81 -28.73
N PHE A 169 -2.16 20.04 -28.71
CA PHE A 169 -1.84 20.73 -29.95
C PHE A 169 -0.83 19.91 -30.75
N THR A 170 0.34 19.67 -30.15
CA THR A 170 1.42 18.90 -30.79
C THR A 170 0.90 17.54 -31.24
N GLY A 171 -0.12 17.06 -30.52
CA GLY A 171 -0.73 15.78 -30.82
C GLY A 171 -1.54 15.82 -32.09
N LEU A 172 -2.44 16.81 -32.20
CA LEU A 172 -3.28 16.98 -33.38
C LEU A 172 -2.42 17.18 -34.62
N LYS A 173 -1.44 18.08 -34.48
CA LYS A 173 -0.55 18.41 -35.56
C LYS A 173 0.63 17.48 -35.86
N PHE A 174 0.93 16.51 -35.02
CA PHE A 174 2.11 15.69 -35.40
C PHE A 174 1.95 14.16 -35.54
N GLY A 175 0.71 13.68 -35.59
CA GLY A 175 0.41 12.27 -35.94
C GLY A 175 1.10 11.02 -35.32
N ARG A 176 1.44 10.07 -36.22
CA ARG A 176 1.86 8.74 -35.80
C ARG A 176 3.29 8.26 -35.65
N THR A 177 3.26 7.41 -34.63
CA THR A 177 4.21 6.60 -33.91
C THR A 177 3.47 6.45 -32.59
N ARG A 178 2.37 5.64 -32.61
CA ARG A 178 1.50 5.48 -31.44
C ARG A 178 1.99 4.53 -30.36
N ILE A 179 1.98 5.03 -29.14
CA ILE A 179 2.42 4.24 -27.99
C ILE A 179 1.21 3.48 -27.44
N SER A 180 0.09 4.17 -27.27
CA SER A 180 -1.13 3.57 -26.71
C SER A 180 -1.69 2.34 -27.44
N PRO A 181 -2.11 1.31 -26.67
CA PRO A 181 -2.67 0.04 -27.13
C PRO A 181 -4.13 0.14 -27.59
N ARG A 182 -4.77 -1.01 -27.77
CA ARG A 182 -6.17 -1.09 -28.20
C ARG A 182 -7.09 -0.27 -27.29
N TYR A 183 -7.35 -0.83 -26.11
CA TYR A 183 -8.24 -0.28 -25.09
C TYR A 183 -8.21 1.20 -24.72
N SER A 184 -7.03 1.80 -24.71
CA SER A 184 -6.88 3.21 -24.38
C SER A 184 -7.36 4.05 -25.55
N PRO A 185 -7.44 5.39 -25.37
CA PRO A 185 -7.90 6.18 -26.51
C PRO A 185 -6.82 6.17 -27.58
N ARG A 186 -6.11 7.27 -27.74
CA ARG A 186 -5.06 7.36 -28.75
C ARG A 186 -3.95 8.30 -28.27
N LYS A 187 -2.75 7.76 -28.05
CA LYS A 187 -1.59 8.56 -27.61
C LYS A 187 -0.30 8.24 -28.39
N SER A 188 0.47 9.29 -28.70
CA SER A 188 1.71 9.16 -29.49
C SER A 188 3.02 9.56 -28.81
N LEU A 189 4.12 8.93 -29.25
CA LEU A 189 5.47 9.21 -28.73
C LEU A 189 5.80 10.66 -28.95
N GLU A 190 5.42 11.13 -30.14
CA GLU A 190 5.64 12.50 -30.53
C GLU A 190 4.79 13.40 -29.63
N GLY A 191 3.54 12.98 -29.40
CA GLY A 191 2.62 13.74 -28.58
C GLY A 191 3.08 13.96 -27.15
N VAL A 192 3.72 12.95 -26.56
CA VAL A 192 4.22 13.04 -25.19
C VAL A 192 5.45 13.96 -25.13
N ILE A 193 6.30 13.87 -26.16
CA ILE A 193 7.51 14.68 -26.28
C ILE A 193 7.19 16.17 -26.25
N GLY A 194 6.17 16.57 -26.99
CA GLY A 194 5.79 17.97 -27.01
C GLY A 194 5.42 18.45 -25.62
N GLY A 195 4.66 17.63 -24.89
CA GLY A 195 4.22 17.98 -23.54
C GLY A 195 5.39 18.06 -22.60
N PHE A 196 6.43 17.29 -22.90
CA PHE A 196 7.67 17.27 -22.11
C PHE A 196 8.37 18.61 -22.29
N LEU A 197 8.47 19.03 -23.55
CA LEU A 197 9.09 20.29 -23.91
C LEU A 197 8.30 21.41 -23.27
N GLY A 198 6.98 21.37 -23.49
CA GLY A 198 6.13 22.37 -22.92
C GLY A 198 6.36 22.55 -21.44
N VAL A 199 6.63 21.46 -20.74
CA VAL A 199 6.87 21.50 -19.30
C VAL A 199 8.24 22.13 -19.00
N VAL A 200 9.24 21.74 -19.81
CA VAL A 200 10.60 22.24 -19.67
C VAL A 200 10.53 23.76 -19.74
N ILE A 201 9.93 24.22 -20.83
CA ILE A 201 9.77 25.62 -21.10
C ILE A 201 8.93 26.33 -20.04
N TYR A 202 7.81 25.70 -19.67
CA TYR A 202 6.90 26.25 -18.67
C TYR A 202 7.62 26.61 -17.37
N THR A 203 8.77 25.98 -17.08
CA THR A 203 9.42 26.23 -15.78
C THR A 203 10.48 27.37 -15.67
N PHE A 204 11.05 28.02 -16.70
CA PHE A 204 11.98 29.17 -16.40
C PHE A 204 10.95 30.12 -15.85
N LEU A 205 9.90 30.23 -16.68
CA LEU A 205 8.76 31.07 -16.45
C LEU A 205 8.31 30.84 -15.03
N TYR A 206 8.01 29.60 -14.67
CA TYR A 206 7.61 29.36 -13.29
C TYR A 206 8.78 29.71 -12.37
N ARG A 207 9.96 29.19 -12.71
CA ARG A 207 11.21 29.38 -11.94
C ARG A 207 11.46 30.83 -11.54
N LEU A 208 11.99 31.61 -12.47
CA LEU A 208 12.29 32.98 -12.14
C LEU A 208 11.10 33.89 -11.97
N VAL A 209 9.92 33.48 -12.43
CA VAL A 209 8.75 34.33 -12.17
C VAL A 209 8.32 34.10 -10.73
N VAL A 210 8.80 33.01 -10.13
CA VAL A 210 8.52 32.74 -8.73
C VAL A 210 9.72 33.14 -7.86
N ASN A 211 10.92 33.11 -8.46
CA ASN A 211 12.15 33.47 -7.74
C ASN A 211 12.61 34.93 -7.87
N ASP A 212 12.42 35.53 -9.04
CA ASP A 212 12.78 36.94 -9.22
C ASP A 212 11.67 37.69 -8.47
N LEU A 213 10.46 37.16 -8.58
CA LEU A 213 9.28 37.74 -7.96
C LEU A 213 9.43 37.72 -6.45
N LEU A 214 9.50 36.51 -5.89
CA LEU A 214 9.60 36.34 -4.44
C LEU A 214 10.65 35.27 -4.16
N SER A 215 11.38 35.41 -3.07
CA SER A 215 12.39 34.41 -2.74
C SER A 215 11.78 33.14 -2.14
N VAL A 216 10.99 32.43 -2.94
CA VAL A 216 10.35 31.17 -2.56
C VAL A 216 11.06 30.11 -3.39
N ASN A 217 11.98 29.38 -2.76
CA ASN A 217 12.77 28.36 -3.45
C ASN A 217 11.93 27.39 -4.26
N VAL A 218 12.39 27.13 -5.48
CA VAL A 218 11.73 26.21 -6.37
C VAL A 218 12.83 25.28 -6.86
N ILE A 219 12.47 24.37 -7.76
CA ILE A 219 13.43 23.43 -8.30
C ILE A 219 14.56 24.17 -8.99
N CYS A 220 15.75 23.57 -8.96
CA CYS A 220 16.94 24.16 -9.59
C CYS A 220 16.85 24.06 -11.11
N PHE A 221 17.61 24.89 -11.81
CA PHE A 221 17.63 24.87 -13.26
C PHE A 221 18.14 23.53 -13.78
N ARG A 222 18.76 22.72 -12.90
CA ARG A 222 19.31 21.41 -13.28
C ARG A 222 18.46 20.18 -13.02
N THR A 223 17.38 20.34 -12.27
CA THR A 223 16.48 19.22 -12.00
C THR A 223 15.26 19.31 -12.94
N PHE A 224 15.38 20.17 -13.96
CA PHE A 224 14.31 20.40 -14.94
C PHE A 224 13.96 19.18 -15.77
N LEU A 225 14.92 18.66 -16.53
CA LEU A 225 14.66 17.48 -17.37
C LEU A 225 13.93 16.34 -16.69
N PRO A 226 14.46 15.81 -15.58
CA PRO A 226 13.79 14.72 -14.89
C PRO A 226 12.32 15.03 -14.60
N PHE A 227 12.08 16.14 -13.90
CA PHE A 227 10.73 16.55 -13.56
C PHE A 227 9.80 16.51 -14.76
N ALA A 228 10.27 17.00 -15.89
CA ALA A 228 9.48 17.00 -17.11
C ALA A 228 9.22 15.57 -17.52
N ALA A 229 10.32 14.83 -17.70
CA ALA A 229 10.28 13.42 -18.12
C ALA A 229 9.31 12.55 -17.31
N THR A 230 9.22 12.79 -16.00
CA THR A 230 8.31 12.01 -15.20
C THR A 230 6.90 12.56 -15.37
N VAL A 231 6.75 13.88 -15.34
CA VAL A 231 5.43 14.50 -15.52
C VAL A 231 4.88 14.02 -16.85
N ALA A 232 5.78 13.79 -17.80
CA ALA A 232 5.44 13.32 -19.13
C ALA A 232 5.15 11.84 -19.17
N ILE A 233 6.12 11.05 -18.75
CA ILE A 233 6.04 9.60 -18.75
C ILE A 233 5.06 8.99 -17.75
N MET A 234 4.93 9.61 -16.59
CA MET A 234 3.99 9.10 -15.62
C MET A 234 2.55 9.40 -15.98
N ASP A 235 2.28 10.63 -16.42
CA ASP A 235 0.93 11.03 -16.82
C ASP A 235 0.46 10.12 -17.94
N THR A 236 1.41 9.68 -18.77
CA THR A 236 1.13 8.81 -19.88
C THR A 236 0.68 7.43 -19.36
N PHE A 237 1.37 6.90 -18.36
CA PHE A 237 1.00 5.59 -17.81
C PHE A 237 -0.26 5.64 -16.97
N GLY A 238 -0.43 6.74 -16.24
CA GLY A 238 -1.60 6.91 -15.40
C GLY A 238 -2.92 6.97 -16.15
N ASP A 239 -2.90 7.53 -17.35
CA ASP A 239 -4.10 7.64 -18.17
C ASP A 239 -4.35 6.29 -18.84
N ILE A 240 -3.28 5.63 -19.27
CA ILE A 240 -3.46 4.34 -19.89
C ILE A 240 -3.96 3.34 -18.85
N PHE A 241 -3.41 3.39 -17.63
CA PHE A 241 -3.86 2.49 -16.56
C PHE A 241 -5.35 2.70 -16.34
N GLU A 242 -5.78 3.96 -16.26
CA GLU A 242 -7.19 4.27 -16.07
C GLU A 242 -8.06 3.73 -17.18
N CYS A 243 -7.65 3.89 -18.43
CA CYS A 243 -8.48 3.37 -19.53
C CYS A 243 -8.63 1.85 -19.43
N ALA A 244 -7.58 1.17 -18.98
CA ALA A 244 -7.64 -0.27 -18.81
C ALA A 244 -8.57 -0.54 -17.62
N LEU A 245 -8.48 0.34 -16.62
CA LEU A 245 -9.30 0.26 -15.41
C LEU A 245 -10.76 0.60 -15.75
N LYS A 246 -10.93 1.55 -16.65
CA LYS A 246 -12.27 1.96 -17.09
C LYS A 246 -12.88 0.84 -17.90
N ARG A 247 -12.18 0.44 -18.95
CA ARG A 247 -12.63 -0.63 -19.85
C ARG A 247 -13.05 -1.91 -19.13
N HIS A 248 -12.39 -2.23 -18.03
CA HIS A 248 -12.76 -3.41 -17.27
C HIS A 248 -14.19 -3.28 -16.79
N TYR A 249 -14.50 -2.15 -16.17
CA TYR A 249 -15.85 -1.88 -15.65
C TYR A 249 -16.86 -1.56 -16.74
N GLY A 250 -16.37 -1.43 -17.98
CA GLY A 250 -17.21 -1.16 -19.12
C GLY A 250 -17.52 0.27 -19.53
N VAL A 251 -17.16 1.26 -18.72
CA VAL A 251 -17.48 2.66 -19.05
C VAL A 251 -16.39 3.41 -19.82
N LYS A 252 -16.81 4.42 -20.58
CA LYS A 252 -15.88 5.27 -21.33
C LYS A 252 -15.41 6.34 -20.35
N ASP A 253 -16.28 6.69 -19.41
CA ASP A 253 -15.99 7.68 -18.37
C ASP A 253 -15.94 7.04 -16.97
N SER A 254 -15.07 7.57 -16.11
CA SER A 254 -14.91 7.05 -14.75
C SER A 254 -16.12 7.16 -13.83
N GLY A 255 -16.76 8.33 -13.81
CA GLY A 255 -17.92 8.52 -12.97
C GLY A 255 -18.51 9.88 -13.23
N LYS A 256 -19.74 10.13 -12.79
CA LYS A 256 -20.35 11.43 -13.02
C LYS A 256 -20.60 12.24 -11.75
N THR A 257 -19.54 12.87 -11.25
CA THR A 257 -19.61 13.71 -10.06
C THR A 257 -19.42 15.15 -10.54
N LEU A 258 -18.66 15.28 -11.63
CA LEU A 258 -18.29 16.57 -12.21
C LEU A 258 -19.05 17.15 -13.40
N PRO A 259 -19.05 18.49 -13.52
CA PRO A 259 -19.69 19.30 -14.55
C PRO A 259 -18.98 19.16 -15.90
N GLY A 260 -17.75 19.67 -15.97
CA GLY A 260 -16.97 19.59 -17.20
C GLY A 260 -16.90 18.14 -17.64
N HIS A 261 -16.99 17.90 -18.96
CA HIS A 261 -16.97 16.53 -19.49
C HIS A 261 -15.80 15.68 -18.97
N GLY A 262 -16.16 14.58 -18.31
CA GLY A 262 -15.17 13.70 -17.73
C GLY A 262 -15.30 13.80 -16.21
N GLY A 263 -15.36 12.65 -15.55
CA GLY A 263 -15.49 12.61 -14.10
C GLY A 263 -14.21 12.93 -13.32
N MET A 264 -14.32 12.93 -12.00
CA MET A 264 -13.20 13.25 -11.12
C MET A 264 -11.96 12.40 -11.28
N LEU A 265 -12.09 11.08 -11.25
CA LEU A 265 -10.93 10.22 -11.42
C LEU A 265 -10.30 10.53 -12.75
N ASP A 266 -11.13 10.78 -13.76
CA ASP A 266 -10.64 11.10 -15.09
C ASP A 266 -9.74 12.33 -15.11
N ARG A 267 -10.09 13.34 -14.32
CA ARG A 267 -9.30 14.57 -14.25
C ARG A 267 -7.88 14.35 -13.70
N ILE A 268 -7.79 13.68 -12.56
CA ILE A 268 -6.53 13.44 -11.89
C ILE A 268 -5.73 12.17 -12.18
N ASP A 269 -6.24 11.27 -13.01
CA ASP A 269 -5.55 10.00 -13.32
C ASP A 269 -4.04 10.02 -13.55
N GLY A 270 -3.60 10.77 -14.55
CA GLY A 270 -2.17 10.86 -14.85
C GLY A 270 -1.40 11.50 -13.71
N LEU A 271 -2.02 12.49 -13.07
CA LEU A 271 -1.41 13.19 -11.97
C LEU A 271 -0.97 12.17 -10.94
N LEU A 272 -1.87 11.24 -10.64
CA LEU A 272 -1.65 10.20 -9.64
C LEU A 272 -0.32 9.54 -9.75
N PHE A 273 0.08 9.10 -10.94
CA PHE A 273 1.39 8.48 -11.10
C PHE A 273 2.49 9.53 -10.95
N VAL A 274 2.27 10.69 -11.58
CA VAL A 274 3.28 11.73 -11.56
C VAL A 274 3.79 12.11 -10.18
N ALA A 275 2.91 12.63 -9.34
CA ALA A 275 3.29 13.07 -8.00
C ALA A 275 4.30 12.19 -7.23
N PRO A 276 4.00 10.90 -7.02
CA PRO A 276 4.91 10.01 -6.30
C PRO A 276 6.28 10.00 -6.93
N VAL A 277 6.31 9.64 -8.21
CA VAL A 277 7.55 9.57 -8.94
C VAL A 277 8.26 10.89 -8.93
N SER A 278 7.52 11.98 -9.06
CA SER A 278 8.17 13.28 -9.03
C SER A 278 8.74 13.62 -7.63
N TYR A 279 8.08 13.18 -6.55
CA TYR A 279 8.58 13.44 -5.20
C TYR A 279 9.90 12.71 -5.03
N ILE A 280 9.94 11.47 -5.54
CA ILE A 280 11.13 10.64 -5.49
C ILE A 280 12.25 11.41 -6.15
N VAL A 281 11.96 12.03 -7.29
CA VAL A 281 12.95 12.82 -8.04
C VAL A 281 13.43 14.04 -7.22
N PHE A 282 12.48 14.82 -6.70
CA PHE A 282 12.84 15.98 -5.88
C PHE A 282 13.70 15.52 -4.72
N LYS A 283 13.19 14.58 -3.94
CA LYS A 283 13.90 14.04 -2.78
C LYS A 283 15.35 13.72 -3.14
N ILE A 284 15.56 13.33 -4.38
CA ILE A 284 16.89 12.99 -4.89
C ILE A 284 17.72 14.19 -5.32
N LEU A 285 17.06 15.21 -5.87
CA LEU A 285 17.76 16.38 -6.36
C LEU A 285 17.63 17.74 -5.66
N GLU A 286 16.73 17.87 -4.68
CA GLU A 286 16.57 19.15 -3.96
C GLU A 286 16.81 19.07 -2.47
N GLY A 287 17.35 17.94 -2.04
CA GLY A 287 17.65 17.73 -0.63
C GLY A 287 16.57 18.07 0.38
N VAL A 288 16.91 18.96 1.31
CA VAL A 288 15.98 19.37 2.37
C VAL A 288 15.70 20.88 2.48
N VAL A 289 14.63 21.16 3.25
CA VAL A 289 14.09 22.48 3.63
C VAL A 289 14.40 22.76 5.12
N ARG A 290 15.10 23.89 5.40
CA ARG A 290 15.53 24.35 6.74
C ARG A 290 15.14 23.53 8.00
N LEU B 24 14.40 -39.79 5.05
CA LEU B 24 15.09 -40.17 6.33
C LEU B 24 14.28 -39.70 7.55
N LYS B 25 13.01 -40.11 7.63
CA LYS B 25 12.11 -39.72 8.72
C LYS B 25 12.12 -38.19 8.78
N THR B 26 11.72 -37.59 7.63
CA THR B 26 11.80 -36.16 7.27
C THR B 26 10.97 -35.06 8.01
N ARG B 27 9.68 -35.24 8.29
CA ARG B 27 8.87 -34.18 8.94
C ARG B 27 9.47 -33.51 10.19
N VAL B 28 10.00 -34.31 11.12
CA VAL B 28 10.61 -33.83 12.36
C VAL B 28 12.13 -33.60 12.27
N ILE B 29 12.78 -34.26 11.32
CA ILE B 29 14.23 -34.08 11.12
C ILE B 29 14.45 -32.63 10.69
N THR B 30 13.38 -32.02 10.17
CA THR B 30 13.40 -30.63 9.69
C THR B 30 12.32 -29.64 10.22
N ALA B 31 11.39 -30.11 11.07
CA ALA B 31 10.38 -29.23 11.70
C ALA B 31 11.06 -28.63 12.94
N SER B 32 12.16 -29.29 13.28
CA SER B 32 13.07 -28.99 14.37
C SER B 32 14.12 -28.00 13.87
N VAL B 33 14.42 -28.04 12.58
CA VAL B 33 15.41 -27.17 11.94
C VAL B 33 15.02 -25.68 11.87
N VAL B 34 13.79 -25.42 11.41
CA VAL B 34 13.23 -24.07 11.23
C VAL B 34 13.29 -23.07 12.39
N ALA B 35 12.58 -23.38 13.47
CA ALA B 35 12.52 -22.53 14.64
C ALA B 35 13.80 -21.76 14.97
N PRO B 36 14.94 -22.46 15.12
CA PRO B 36 16.21 -21.80 15.44
C PRO B 36 16.76 -20.90 14.34
N PHE B 37 16.54 -21.28 13.08
CA PHE B 37 17.01 -20.51 11.93
C PHE B 37 16.50 -19.08 11.96
N VAL B 38 15.18 -18.96 12.03
CA VAL B 38 14.50 -17.68 12.08
C VAL B 38 15.10 -16.75 13.13
N VAL B 39 15.14 -17.23 14.36
CA VAL B 39 15.69 -16.49 15.49
C VAL B 39 17.11 -15.98 15.24
N LEU B 40 17.98 -16.85 14.74
CA LEU B 40 19.36 -16.47 14.45
C LEU B 40 19.40 -15.35 13.43
N CYS B 41 18.33 -15.21 12.66
CA CYS B 41 18.26 -14.14 11.67
C CYS B 41 17.95 -12.79 12.29
N PHE B 42 17.67 -12.80 13.60
CA PHE B 42 17.40 -11.55 14.30
C PHE B 42 18.68 -10.96 14.88
N VAL B 43 19.80 -11.59 14.54
CA VAL B 43 21.12 -11.16 15.00
C VAL B 43 21.48 -9.76 14.54
N SER B 44 21.22 -9.45 13.27
CA SER B 44 21.53 -8.13 12.76
C SER B 44 20.33 -7.62 12.00
N TYR B 45 20.29 -6.29 11.82
CA TYR B 45 19.21 -5.64 11.11
C TYR B 45 19.24 -6.14 9.67
N GLU B 46 20.43 -6.17 9.10
CA GLU B 46 20.63 -6.62 7.74
C GLU B 46 20.18 -8.05 7.56
N SER B 47 20.25 -8.80 8.65
CA SER B 47 19.84 -10.18 8.64
C SER B 47 18.32 -10.29 8.51
N LEU B 48 17.59 -9.53 9.34
CA LEU B 48 16.14 -9.55 9.34
C LEU B 48 15.64 -9.31 7.94
N ILE B 49 16.23 -8.32 7.28
CA ILE B 49 15.87 -7.97 5.92
C ILE B 49 15.95 -9.25 5.08
N GLY B 50 17.06 -9.98 5.27
CA GLY B 50 17.25 -11.23 4.55
C GLY B 50 16.10 -12.21 4.70
N LEU B 51 15.71 -12.50 5.94
CA LEU B 51 14.60 -13.42 6.16
C LEU B 51 13.32 -12.90 5.52
N VAL B 52 13.00 -11.64 5.78
CA VAL B 52 11.80 -11.04 5.24
C VAL B 52 11.77 -11.16 3.73
N SER B 53 12.82 -10.72 3.07
CA SER B 53 12.87 -10.82 1.61
C SER B 53 12.65 -12.28 1.18
N ALA B 54 13.24 -13.19 1.96
CA ALA B 54 13.12 -14.63 1.70
C ALA B 54 11.71 -15.14 1.99
N ILE B 55 11.14 -14.81 3.15
CA ILE B 55 9.79 -15.24 3.48
C ILE B 55 8.86 -14.68 2.40
N LEU B 56 9.16 -13.47 1.96
CA LEU B 56 8.37 -12.82 0.94
C LEU B 56 8.37 -13.51 -0.42
N ILE B 57 9.50 -14.03 -0.86
CA ILE B 57 9.51 -14.70 -2.17
C ILE B 57 8.47 -15.81 -2.15
N LEU B 58 8.56 -16.66 -1.13
CA LEU B 58 7.65 -17.78 -0.98
C LEU B 58 6.20 -17.35 -0.78
N ALA B 59 5.97 -16.46 0.18
CA ALA B 59 4.63 -15.99 0.49
C ALA B 59 3.91 -15.40 -0.71
N GLY B 60 4.63 -14.57 -1.44
CA GLY B 60 4.06 -13.94 -2.61
C GLY B 60 3.91 -14.91 -3.75
N TYR B 61 4.94 -15.76 -3.91
CA TYR B 61 4.89 -16.73 -4.98
C TYR B 61 3.55 -17.46 -4.97
N GLU B 62 3.08 -17.75 -3.76
CA GLU B 62 1.81 -18.47 -3.56
C GLU B 62 0.54 -17.65 -3.84
N LEU B 63 0.49 -16.43 -3.31
CA LEU B 63 -0.67 -15.56 -3.49
C LEU B 63 -0.83 -15.08 -4.92
N ILE B 64 0.29 -14.91 -5.61
CA ILE B 64 0.28 -14.47 -6.99
C ILE B 64 -0.02 -15.63 -7.96
N THR B 65 0.54 -16.79 -7.65
CA THR B 65 0.35 -17.99 -8.47
C THR B 65 -1.11 -18.46 -8.47
N LEU B 66 -1.88 -18.03 -7.49
CA LEU B 66 -3.29 -18.42 -7.47
C LEU B 66 -4.06 -17.62 -8.53
N GLU B 67 -3.57 -16.44 -8.89
CA GLU B 67 -4.22 -15.61 -9.89
C GLU B 67 -3.61 -15.83 -11.27
N MET B 68 -2.38 -16.30 -11.32
CA MET B 68 -1.73 -16.52 -12.59
C MET B 68 -0.96 -17.84 -12.63
N LYS B 69 -1.09 -18.56 -13.74
CA LYS B 69 -0.38 -19.83 -13.90
C LYS B 69 0.45 -19.77 -15.20
N GLU B 70 0.65 -18.52 -15.63
CA GLU B 70 1.43 -18.12 -16.82
C GLU B 70 2.91 -18.24 -16.42
N ARG B 71 3.74 -18.75 -17.31
CA ARG B 71 5.18 -18.89 -17.03
C ARG B 71 5.72 -17.52 -16.63
N ASP B 72 5.59 -16.58 -17.58
CA ASP B 72 6.05 -15.20 -17.47
C ASP B 72 5.56 -14.44 -16.25
N ALA B 73 4.32 -13.97 -16.34
CA ALA B 73 3.64 -13.18 -15.32
C ALA B 73 4.13 -13.35 -13.90
N ARG B 74 3.58 -14.36 -13.23
CA ARG B 74 3.92 -14.66 -11.85
C ARG B 74 5.25 -14.11 -11.38
N PHE B 75 6.32 -14.66 -11.96
CA PHE B 75 7.69 -14.31 -11.59
C PHE B 75 8.10 -12.85 -11.47
N PHE B 76 7.68 -12.02 -12.41
CA PHE B 76 8.03 -10.61 -12.36
C PHE B 76 7.50 -9.97 -11.08
N TYR B 77 6.18 -10.04 -10.88
CA TYR B 77 5.51 -9.46 -9.70
C TYR B 77 6.03 -10.08 -8.40
N VAL B 78 6.42 -11.35 -8.46
CA VAL B 78 6.95 -12.00 -7.28
C VAL B 78 8.29 -11.39 -6.94
N ILE B 79 9.07 -11.05 -7.96
CA ILE B 79 10.37 -10.43 -7.72
C ILE B 79 10.14 -9.03 -7.14
N LEU B 80 9.10 -8.35 -7.62
CA LEU B 80 8.78 -7.02 -7.13
C LEU B 80 8.50 -7.09 -5.63
N LEU B 81 7.56 -7.95 -5.26
CA LEU B 81 7.16 -8.13 -3.86
C LEU B 81 8.32 -8.34 -2.89
N ALA B 82 9.31 -9.10 -3.31
CA ALA B 82 10.47 -9.38 -2.48
C ALA B 82 11.48 -8.24 -2.44
N LEU B 83 11.48 -7.42 -3.48
CA LEU B 83 12.43 -6.31 -3.56
C LEU B 83 12.25 -5.24 -2.49
N TYR B 84 11.01 -4.97 -2.13
CA TYR B 84 10.67 -3.94 -1.15
C TYR B 84 11.51 -3.80 0.12
N PRO B 85 11.64 -4.87 0.93
CA PRO B 85 12.42 -4.79 2.17
C PRO B 85 13.83 -4.26 1.98
N VAL B 86 14.48 -4.69 0.90
CA VAL B 86 15.82 -4.22 0.65
C VAL B 86 15.82 -2.75 0.22
N LEU B 87 14.81 -2.34 -0.53
CA LEU B 87 14.69 -0.95 -0.99
C LEU B 87 14.33 -0.03 0.18
N TYR B 88 13.33 -0.44 0.94
CA TYR B 88 12.84 0.29 2.12
C TYR B 88 13.97 0.51 3.12
N GLY B 89 14.51 -0.59 3.63
CA GLY B 89 15.57 -0.54 4.62
C GLY B 89 16.95 -0.08 4.21
N LEU B 90 17.43 -0.59 3.09
CA LEU B 90 18.76 -0.24 2.64
C LEU B 90 18.94 0.94 1.72
N VAL B 91 18.08 1.10 0.72
CA VAL B 91 18.22 2.21 -0.22
C VAL B 91 17.56 3.51 0.22
N PHE B 92 16.24 3.53 0.24
CA PHE B 92 15.51 4.73 0.61
C PHE B 92 15.45 5.07 2.08
N GLU B 93 15.53 4.05 2.94
CA GLU B 93 15.42 4.24 4.40
C GLU B 93 14.16 5.03 4.69
N GLU B 94 13.20 4.86 3.79
CA GLU B 94 11.89 5.50 3.79
C GLU B 94 11.03 4.47 3.06
N PRO B 95 9.82 4.22 3.58
CA PRO B 95 8.93 3.24 2.96
C PRO B 95 8.08 3.65 1.77
N THR B 96 7.42 4.79 1.86
CA THR B 96 6.51 5.23 0.81
C THR B 96 7.07 5.29 -0.61
N GLN B 97 8.34 5.62 -0.76
CA GLN B 97 8.91 5.72 -2.09
C GLN B 97 8.96 4.41 -2.86
N PRO B 98 9.51 3.35 -2.26
CA PRO B 98 9.59 2.07 -2.97
C PRO B 98 8.21 1.48 -3.22
N LEU B 99 7.34 1.59 -2.21
CA LEU B 99 5.98 1.06 -2.28
C LEU B 99 5.36 1.53 -3.57
N SER B 100 5.50 2.82 -3.85
CA SER B 100 4.97 3.44 -5.07
C SER B 100 5.73 2.97 -6.34
N ILE B 101 7.06 2.87 -6.27
CA ILE B 101 7.85 2.43 -7.42
C ILE B 101 7.51 1.01 -7.82
N LEU B 102 7.33 0.15 -6.83
CA LEU B 102 6.98 -1.24 -7.11
C LEU B 102 5.58 -1.36 -7.71
N PHE B 103 4.62 -0.60 -7.16
CA PHE B 103 3.24 -0.61 -7.66
C PHE B 103 3.10 0.04 -9.02
N ILE B 104 3.87 1.08 -9.26
CA ILE B 104 3.84 1.75 -10.55
C ILE B 104 4.48 0.82 -11.59
N THR B 105 5.61 0.22 -11.24
CA THR B 105 6.32 -0.69 -12.13
C THR B 105 5.40 -1.82 -12.52
N GLY B 106 4.67 -2.30 -11.52
CA GLY B 106 3.72 -3.39 -11.74
C GLY B 106 2.69 -3.06 -12.80
N VAL B 107 1.95 -1.97 -12.57
CA VAL B 107 0.93 -1.55 -13.49
C VAL B 107 1.50 -1.38 -14.88
N VAL B 108 2.71 -0.84 -14.96
CA VAL B 108 3.38 -0.64 -16.25
C VAL B 108 3.58 -1.96 -16.94
N PHE B 109 4.25 -2.87 -16.25
CA PHE B 109 4.54 -4.20 -16.76
C PHE B 109 3.26 -4.88 -17.23
N SER B 110 2.23 -4.84 -16.40
CA SER B 110 0.94 -5.47 -16.72
C SER B 110 0.35 -4.95 -18.03
N LEU B 111 0.44 -3.65 -18.22
CA LEU B 111 -0.10 -3.06 -19.42
C LEU B 111 0.58 -3.67 -20.62
N ILE B 112 1.87 -3.94 -20.51
CA ILE B 112 2.64 -4.55 -21.59
C ILE B 112 2.33 -6.04 -21.82
N THR B 113 2.37 -6.83 -20.76
CA THR B 113 2.12 -8.25 -20.88
C THR B 113 0.67 -8.62 -21.20
N ASP B 114 -0.27 -8.29 -20.32
CA ASP B 114 -1.69 -8.61 -20.56
C ASP B 114 -2.30 -7.66 -21.59
N LYS B 115 -2.51 -8.14 -22.81
CA LYS B 115 -3.08 -7.31 -23.86
C LYS B 115 -4.58 -7.10 -23.72
N ASP B 116 -5.17 -7.83 -22.80
CA ASP B 116 -6.60 -7.73 -22.51
C ASP B 116 -6.72 -6.70 -21.36
N PRO B 117 -7.55 -5.63 -21.54
CA PRO B 117 -7.74 -4.59 -20.52
C PRO B 117 -8.45 -5.03 -19.25
N SER B 118 -9.57 -5.73 -19.41
CA SER B 118 -10.32 -6.23 -18.26
C SER B 118 -9.53 -7.29 -17.49
N GLN B 119 -8.49 -7.81 -18.12
CA GLN B 119 -7.64 -8.81 -17.48
C GLN B 119 -6.46 -8.12 -16.78
N VAL B 120 -6.09 -6.95 -17.26
CA VAL B 120 -5.02 -6.17 -16.65
C VAL B 120 -5.46 -5.88 -15.22
N PHE B 121 -6.76 -5.63 -15.07
CA PHE B 121 -7.36 -5.34 -13.77
C PHE B 121 -7.11 -6.44 -12.78
N LYS B 122 -7.52 -7.65 -13.16
CA LYS B 122 -7.35 -8.81 -12.31
C LYS B 122 -5.92 -9.00 -11.80
N THR B 123 -4.93 -8.94 -12.69
CA THR B 123 -3.55 -9.13 -12.26
C THR B 123 -3.09 -8.00 -11.34
N VAL B 124 -3.54 -6.77 -11.60
CA VAL B 124 -3.16 -5.67 -10.74
C VAL B 124 -3.86 -5.81 -9.40
N ALA B 125 -5.12 -6.23 -9.44
CA ALA B 125 -5.88 -6.43 -8.21
C ALA B 125 -5.19 -7.44 -7.30
N ALA B 126 -4.70 -8.51 -7.90
CA ALA B 126 -4.01 -9.56 -7.16
C ALA B 126 -2.71 -8.99 -6.64
N PHE B 127 -1.95 -8.40 -7.56
CA PHE B 127 -0.67 -7.78 -7.21
C PHE B 127 -0.85 -6.75 -6.13
N SER B 128 -2.00 -6.09 -6.17
CA SER B 128 -2.38 -5.05 -5.21
C SER B 128 -2.64 -5.58 -3.80
N ILE B 129 -3.40 -6.67 -3.70
CA ILE B 129 -3.66 -7.24 -2.38
C ILE B 129 -2.34 -7.82 -1.87
N ALA B 130 -1.58 -8.38 -2.79
CA ALA B 130 -0.28 -8.96 -2.46
C ALA B 130 0.65 -7.90 -1.86
N LEU B 131 0.76 -6.75 -2.52
CA LEU B 131 1.62 -5.68 -2.07
C LEU B 131 1.30 -5.22 -0.67
N ILE B 132 0.07 -4.78 -0.42
CA ILE B 132 -0.29 -4.31 0.93
C ILE B 132 -0.18 -5.34 2.04
N TYR B 133 -0.98 -6.40 1.92
CA TYR B 133 -1.06 -7.51 2.89
C TYR B 133 0.18 -8.35 3.12
N VAL B 134 0.78 -8.83 2.05
CA VAL B 134 1.99 -9.63 2.20
C VAL B 134 3.25 -8.77 2.37
N THR B 135 3.70 -8.11 1.31
CA THR B 135 4.93 -7.27 1.35
C THR B 135 4.99 -6.04 2.28
N PHE B 136 4.00 -5.16 2.22
CA PHE B 136 3.94 -3.94 3.06
C PHE B 136 3.73 -4.27 4.54
N PHE B 137 2.92 -5.28 4.79
CA PHE B 137 2.65 -5.69 6.15
C PHE B 137 3.80 -6.47 6.79
N LEU B 138 4.26 -7.52 6.12
CA LEU B 138 5.36 -8.32 6.66
C LEU B 138 6.59 -7.48 6.90
N SER B 139 6.79 -6.51 6.02
CA SER B 139 7.94 -5.65 6.15
C SER B 139 7.90 -4.87 7.45
N PHE B 140 6.80 -4.93 8.19
CA PHE B 140 6.74 -4.19 9.43
C PHE B 140 7.67 -4.58 10.55
N PHE B 141 8.39 -5.69 10.39
CA PHE B 141 9.35 -6.07 11.39
C PHE B 141 10.49 -5.07 11.30
N LEU B 142 10.75 -4.64 10.06
CA LEU B 142 11.80 -3.67 9.74
C LEU B 142 11.75 -2.44 10.63
N PRO B 143 10.62 -1.70 10.65
CA PRO B 143 10.65 -0.55 11.54
C PRO B 143 10.69 -1.02 13.01
N ILE B 144 9.90 -2.03 13.35
CA ILE B 144 9.89 -2.55 14.70
C ILE B 144 11.30 -2.87 15.18
N TYR B 145 12.10 -3.48 14.31
CA TYR B 145 13.45 -3.84 14.68
C TYR B 145 14.26 -2.62 15.09
N ARG B 146 14.51 -1.70 14.16
CA ARG B 146 15.30 -0.52 14.44
C ARG B 146 14.72 0.43 15.48
N ASP B 147 13.42 0.66 15.37
CA ASP B 147 12.77 1.58 16.29
C ASP B 147 12.37 1.01 17.65
N PHE B 148 12.47 -0.31 17.83
CA PHE B 148 12.08 -0.92 19.10
C PHE B 148 12.94 -2.06 19.64
N GLY B 149 14.06 -2.33 18.98
CA GLY B 149 14.97 -3.36 19.44
C GLY B 149 14.62 -4.78 19.06
N ALA B 150 15.54 -5.46 18.38
CA ALA B 150 15.38 -6.84 17.92
C ALA B 150 14.71 -7.74 18.94
N ALA B 151 14.85 -7.37 20.20
CA ALA B 151 14.25 -8.08 21.31
C ALA B 151 12.75 -8.15 21.08
N ASN B 152 12.12 -6.98 21.05
CA ASN B 152 10.70 -6.86 20.82
C ASN B 152 10.32 -7.42 19.47
N ALA B 153 11.20 -7.24 18.49
CA ALA B 153 10.96 -7.74 17.15
C ALA B 153 10.68 -9.21 17.21
N LEU B 154 11.54 -9.93 17.93
CA LEU B 154 11.41 -11.37 18.10
C LEU B 154 10.18 -11.73 18.93
N LEU B 155 9.79 -10.84 19.84
CA LEU B 155 8.62 -11.04 20.68
C LEU B 155 7.33 -11.03 19.87
N VAL B 156 7.24 -10.13 18.91
CA VAL B 156 6.06 -10.03 18.07
C VAL B 156 5.86 -11.34 17.33
N LEU B 157 6.86 -11.76 16.56
CA LEU B 157 6.74 -12.99 15.80
C LEU B 157 6.37 -14.22 16.61
N THR B 158 7.00 -14.38 17.77
CA THR B 158 6.74 -15.53 18.64
C THR B 158 5.36 -15.50 19.33
N SER B 159 4.91 -14.33 19.75
CA SER B 159 3.62 -14.17 20.41
C SER B 159 2.52 -14.80 19.58
N THR B 160 2.70 -14.78 18.27
CA THR B 160 1.72 -15.38 17.37
C THR B 160 1.87 -16.90 17.41
N TRP B 161 3.11 -17.40 17.34
CA TRP B 161 3.37 -18.86 17.40
C TRP B 161 2.64 -19.36 18.67
N VAL B 162 2.79 -18.57 19.74
CA VAL B 162 2.19 -18.83 21.05
C VAL B 162 0.68 -18.64 21.07
N PHE B 163 0.18 -17.65 20.35
CA PHE B 163 -1.26 -17.44 20.33
C PHE B 163 -1.96 -18.65 19.73
N ASP B 164 -1.50 -19.08 18.56
CA ASP B 164 -2.10 -20.24 17.89
C ASP B 164 -2.08 -21.51 18.74
N SER B 165 -1.04 -21.66 19.57
CA SER B 165 -0.92 -22.83 20.47
C SER B 165 -1.90 -22.78 21.64
N PHE B 166 -1.88 -21.67 22.39
CA PHE B 166 -2.78 -21.50 23.53
C PHE B 166 -4.25 -21.49 23.13
N ALA B 167 -4.54 -21.01 21.93
CA ALA B 167 -5.91 -20.96 21.43
C ALA B 167 -6.37 -22.36 20.99
N TYR B 168 -5.40 -23.22 20.69
CA TYR B 168 -5.70 -24.57 20.27
C TYR B 168 -6.20 -25.41 21.43
N PHE B 169 -5.41 -25.47 22.51
CA PHE B 169 -5.82 -26.23 23.67
C PHE B 169 -7.12 -25.68 24.20
N THR B 170 -7.10 -24.41 24.60
CA THR B 170 -8.30 -23.76 25.15
C THR B 170 -9.44 -23.87 24.17
N GLY B 171 -9.11 -24.01 22.88
CA GLY B 171 -10.11 -24.15 21.84
C GLY B 171 -10.81 -25.50 21.85
N LEU B 172 -10.03 -26.57 21.88
CA LEU B 172 -10.56 -27.94 21.92
C LEU B 172 -11.42 -28.12 23.16
N LYS B 173 -10.91 -27.65 24.29
CA LYS B 173 -11.59 -27.77 25.58
C LYS B 173 -12.59 -26.72 26.04
N PHE B 174 -12.59 -25.51 25.47
CA PHE B 174 -13.56 -24.55 26.03
C PHE B 174 -14.79 -24.26 25.16
N GLY B 175 -14.98 -25.01 24.07
CA GLY B 175 -16.24 -24.94 23.33
C GLY B 175 -16.63 -23.76 22.43
N ARG B 176 -17.92 -23.43 22.43
CA ARG B 176 -18.41 -22.44 21.48
C ARG B 176 -19.18 -21.21 21.95
N THR B 177 -19.13 -20.33 20.95
CA THR B 177 -19.61 -19.00 20.71
C THR B 177 -18.70 -18.67 19.53
N ARG B 178 -18.79 -19.46 18.46
CA ARG B 178 -17.92 -19.31 17.28
C ARG B 178 -18.05 -18.01 16.49
N ILE B 179 -16.90 -17.44 16.15
CA ILE B 179 -16.81 -16.20 15.39
C ILE B 179 -16.57 -16.51 13.91
N SER B 180 -15.81 -17.57 13.66
CA SER B 180 -15.46 -18.01 12.30
C SER B 180 -16.64 -18.53 11.47
N PRO B 181 -16.81 -17.99 10.25
CA PRO B 181 -17.88 -18.36 9.31
C PRO B 181 -17.72 -19.73 8.64
N ARG B 182 -18.53 -19.97 7.61
CA ARG B 182 -18.51 -21.21 6.83
C ARG B 182 -17.12 -21.57 6.30
N TYR B 183 -16.67 -20.80 5.31
CA TYR B 183 -15.39 -20.96 4.60
C TYR B 183 -14.09 -21.05 5.40
N SER B 184 -14.03 -20.32 6.49
CA SER B 184 -12.85 -20.31 7.37
C SER B 184 -12.86 -21.61 8.15
N PRO B 185 -11.78 -21.91 8.88
CA PRO B 185 -11.80 -23.16 9.64
C PRO B 185 -12.81 -23.04 10.78
N ARG B 186 -12.32 -22.98 12.02
CA ARG B 186 -13.20 -22.85 13.17
C ARG B 186 -12.49 -22.06 14.25
N LYS B 187 -13.06 -20.91 14.62
CA LYS B 187 -12.48 -20.07 15.67
C LYS B 187 -13.58 -19.49 16.55
N SER B 188 -13.37 -19.61 17.86
CA SER B 188 -14.30 -19.18 18.91
C SER B 188 -13.84 -17.99 19.76
N LEU B 189 -14.80 -17.24 20.30
CA LEU B 189 -14.50 -16.08 21.16
C LEU B 189 -13.69 -16.54 22.36
N GLU B 190 -14.09 -17.69 22.88
CA GLU B 190 -13.43 -18.29 24.02
C GLU B 190 -12.02 -18.68 23.60
N GLY B 191 -11.91 -19.30 22.42
CA GLY B 191 -10.63 -19.74 21.90
C GLY B 191 -9.59 -18.64 21.74
N VAL B 192 -10.04 -17.46 21.31
CA VAL B 192 -9.17 -16.31 21.12
C VAL B 192 -8.73 -15.75 22.46
N ILE B 193 -9.65 -15.73 23.41
CA ILE B 193 -9.37 -15.22 24.74
C ILE B 193 -8.24 -16.00 25.41
N GLY B 194 -8.25 -17.33 25.28
CA GLY B 194 -7.20 -18.16 25.85
C GLY B 194 -5.84 -17.78 25.32
N GLY B 195 -5.77 -17.61 23.99
CA GLY B 195 -4.53 -17.23 23.35
C GLY B 195 -4.07 -15.86 23.78
N PHE B 196 -5.03 -15.01 24.16
CA PHE B 196 -4.76 -13.66 24.63
C PHE B 196 -4.08 -13.78 25.98
N LEU B 197 -4.65 -14.61 26.84
CA LEU B 197 -4.13 -14.85 28.18
C LEU B 197 -2.74 -15.46 28.05
N GLY B 198 -2.65 -16.54 27.25
CA GLY B 198 -1.37 -17.19 27.03
C GLY B 198 -0.27 -16.20 26.65
N VAL B 199 -0.62 -15.18 25.86
CA VAL B 199 0.34 -14.15 25.45
C VAL B 199 0.70 -13.26 26.62
N VAL B 200 -0.32 -12.87 27.40
CA VAL B 200 -0.13 -12.02 28.58
C VAL B 200 0.91 -12.70 29.47
N ILE B 201 0.61 -13.94 29.82
CA ILE B 201 1.46 -14.74 30.66
C ILE B 201 2.83 -14.99 30.05
N TYR B 202 2.86 -15.31 28.76
CA TYR B 202 4.11 -15.57 28.04
C TYR B 202 5.12 -14.42 28.20
N THR B 203 4.63 -13.18 28.48
CA THR B 203 5.58 -12.06 28.52
C THR B 203 6.27 -11.66 29.88
N PHE B 204 5.86 -12.11 31.08
CA PHE B 204 6.71 -11.79 32.24
C PHE B 204 7.97 -12.52 31.89
N LEU B 205 7.68 -13.79 31.60
CA LEU B 205 8.66 -14.78 31.22
C LEU B 205 9.56 -14.17 30.19
N TYR B 206 9.00 -13.70 29.08
CA TYR B 206 9.84 -13.07 28.09
C TYR B 206 10.47 -11.82 28.69
N ARG B 207 9.65 -10.97 29.32
CA ARG B 207 10.09 -9.70 29.96
C ARG B 207 11.31 -9.84 30.85
N LEU B 208 11.13 -10.35 32.07
CA LEU B 208 12.26 -10.46 32.95
C LEU B 208 13.27 -11.54 32.63
N VAL B 209 12.91 -12.50 31.79
CA VAL B 209 13.90 -13.49 31.39
C VAL B 209 14.80 -12.84 30.34
N VAL B 210 14.35 -11.73 29.76
CA VAL B 210 15.16 -10.99 28.79
C VAL B 210 15.79 -9.78 29.49
N ASN B 211 15.12 -9.27 30.52
CA ASN B 211 15.63 -8.11 31.28
C ASN B 211 16.47 -8.43 32.53
N ASP B 212 16.14 -9.49 33.25
CA ASP B 212 16.96 -9.88 34.41
C ASP B 212 18.20 -10.50 33.80
N LEU B 213 18.01 -11.23 32.69
CA LEU B 213 19.06 -11.90 31.96
C LEU B 213 20.04 -10.89 31.39
N LEU B 214 19.55 -10.07 30.46
CA LEU B 214 20.40 -9.07 29.82
C LEU B 214 19.63 -7.76 29.77
N SER B 215 20.34 -6.65 29.92
CA SER B 215 19.65 -5.36 29.87
C SER B 215 19.28 -4.95 28.43
N VAL B 216 18.39 -5.74 27.82
CA VAL B 216 17.89 -5.49 26.47
C VAL B 216 16.45 -5.04 26.65
N ASN B 217 16.21 -3.74 26.58
CA ASN B 217 14.88 -3.20 26.79
C ASN B 217 13.80 -3.90 25.98
N VAL B 218 12.70 -4.19 26.65
CA VAL B 218 11.54 -4.83 26.04
C VAL B 218 10.35 -4.00 26.43
N ILE B 219 9.17 -4.45 26.04
CA ILE B 219 7.96 -3.71 26.36
C ILE B 219 7.80 -3.61 27.88
N CYS B 220 7.16 -2.52 28.31
CA CYS B 220 6.91 -2.29 29.73
C CYS B 220 5.82 -3.21 30.25
N PHE B 221 5.78 -3.40 31.58
CA PHE B 221 4.77 -4.25 32.18
C PHE B 221 3.36 -3.68 31.94
N ARG B 222 3.28 -2.41 31.54
CA ARG B 222 2.00 -1.75 31.28
C ARG B 222 1.50 -1.73 29.85
N THR B 223 2.33 -2.12 28.90
CA THR B 223 1.88 -2.15 27.51
C THR B 223 1.54 -3.60 27.15
N PHE B 224 1.44 -4.44 28.18
CA PHE B 224 1.13 -5.86 28.00
C PHE B 224 -0.24 -6.14 27.37
N LEU B 225 -1.32 -5.70 28.02
CA LEU B 225 -2.67 -5.94 27.52
C LEU B 225 -2.86 -5.64 26.04
N PRO B 226 -2.58 -4.39 25.61
CA PRO B 226 -2.76 -4.06 24.19
C PRO B 226 -2.06 -5.03 23.26
N PHE B 227 -0.76 -5.21 23.47
CA PHE B 227 0.02 -6.12 22.64
C PHE B 227 -0.65 -7.47 22.50
N ALA B 228 -1.16 -7.99 23.60
CA ALA B 228 -1.83 -9.27 23.58
C ALA B 228 -3.08 -9.15 22.73
N ALA B 229 -3.93 -8.20 23.10
CA ALA B 229 -5.20 -7.93 22.43
C ALA B 229 -5.08 -7.84 20.93
N THR B 230 -4.00 -7.22 20.45
CA THR B 230 -3.80 -7.09 19.01
C THR B 230 -3.25 -8.40 18.44
N VAL B 231 -2.30 -9.01 19.14
CA VAL B 231 -1.73 -10.29 18.68
C VAL B 231 -2.87 -11.30 18.58
N ALA B 232 -3.86 -11.12 19.45
CA ALA B 232 -5.03 -11.97 19.51
C ALA B 232 -6.07 -11.64 18.42
N ILE B 233 -6.55 -10.41 18.47
CA ILE B 233 -7.55 -9.91 17.54
C ILE B 233 -7.09 -9.77 16.10
N MET B 234 -5.82 -9.42 15.89
CA MET B 234 -5.32 -9.30 14.54
C MET B 234 -5.06 -10.65 13.90
N ASP B 235 -4.48 -11.57 14.65
CA ASP B 235 -4.21 -12.91 14.12
C ASP B 235 -5.53 -13.56 13.75
N THR B 236 -6.56 -13.20 14.49
CA THR B 236 -7.89 -13.71 14.24
C THR B 236 -8.41 -13.25 12.87
N PHE B 237 -8.26 -11.96 12.59
CA PHE B 237 -8.72 -11.38 11.33
C PHE B 237 -7.86 -11.77 10.14
N GLY B 238 -6.56 -11.92 10.38
CA GLY B 238 -5.64 -12.29 9.32
C GLY B 238 -5.88 -13.69 8.77
N ASP B 239 -6.26 -14.62 9.66
CA ASP B 239 -6.52 -15.99 9.25
C ASP B 239 -7.86 -16.06 8.52
N ILE B 240 -8.85 -15.33 9.05
CA ILE B 240 -10.16 -15.32 8.41
C ILE B 240 -10.06 -14.70 7.02
N PHE B 241 -9.31 -13.59 6.91
CA PHE B 241 -9.12 -12.92 5.62
C PHE B 241 -8.53 -13.93 4.64
N GLU B 242 -7.50 -14.66 5.09
CA GLU B 242 -6.87 -15.67 4.23
C GLU B 242 -7.85 -16.74 3.80
N CYS B 243 -8.68 -17.25 4.70
CA CYS B 243 -9.65 -18.28 4.31
C CYS B 243 -10.63 -17.75 3.25
N ALA B 244 -10.98 -16.47 3.35
CA ALA B 244 -11.86 -15.85 2.37
C ALA B 244 -11.06 -15.72 1.07
N LEU B 245 -9.79 -15.41 1.23
CA LEU B 245 -8.84 -15.25 0.13
C LEU B 245 -8.58 -16.59 -0.53
N LYS B 246 -8.45 -17.62 0.31
CA LYS B 246 -8.21 -18.97 -0.18
C LYS B 246 -9.45 -19.46 -0.92
N ARG B 247 -10.59 -19.45 -0.21
CA ARG B 247 -11.87 -19.90 -0.77
C ARG B 247 -12.19 -19.28 -2.12
N HIS B 248 -11.77 -18.04 -2.35
CA HIS B 248 -12.03 -17.40 -3.63
C HIS B 248 -11.32 -18.15 -4.74
N TYR B 249 -10.05 -18.47 -4.53
CA TYR B 249 -9.26 -19.21 -5.50
C TYR B 249 -9.57 -20.71 -5.52
N GLY B 250 -10.42 -21.13 -4.60
CA GLY B 250 -10.85 -22.51 -4.52
C GLY B 250 -10.05 -23.52 -3.71
N VAL B 251 -8.88 -23.15 -3.20
CA VAL B 251 -8.08 -24.10 -2.45
C VAL B 251 -8.28 -24.05 -0.92
N LYS B 252 -8.02 -25.19 -0.27
CA LYS B 252 -8.11 -25.29 1.18
C LYS B 252 -6.77 -24.79 1.72
N ASP B 253 -5.70 -24.98 0.94
CA ASP B 253 -4.35 -24.55 1.29
C ASP B 253 -3.86 -23.45 0.34
N SER B 254 -3.07 -22.53 0.87
CA SER B 254 -2.55 -21.41 0.09
C SER B 254 -1.62 -21.78 -1.08
N GLY B 255 -0.67 -22.67 -0.85
CA GLY B 255 0.25 -23.06 -1.89
C GLY B 255 1.17 -24.12 -1.35
N LYS B 256 1.89 -24.83 -2.22
CA LYS B 256 2.78 -25.88 -1.74
C LYS B 256 4.27 -25.62 -1.98
N THR B 257 4.86 -24.83 -1.08
CA THR B 257 6.28 -24.49 -1.12
C THR B 257 6.93 -25.18 0.08
N LEU B 258 6.13 -25.35 1.13
CA LEU B 258 6.56 -25.93 2.40
C LEU B 258 6.29 -27.41 2.75
N PRO B 259 7.17 -27.98 3.60
CA PRO B 259 7.16 -29.36 4.11
C PRO B 259 6.00 -29.60 5.07
N GLY B 260 6.06 -28.97 6.24
CA GLY B 260 5.00 -29.11 7.23
C GLY B 260 3.68 -28.78 6.60
N HIS B 261 2.63 -29.53 6.96
CA HIS B 261 1.30 -29.31 6.38
C HIS B 261 0.84 -27.85 6.44
N GLY B 262 0.60 -27.28 5.26
CA GLY B 262 0.19 -25.89 5.15
C GLY B 262 1.31 -25.12 4.48
N GLY B 263 0.96 -24.33 3.48
CA GLY B 263 1.95 -23.55 2.76
C GLY B 263 2.46 -22.32 3.49
N MET B 264 3.37 -21.60 2.85
CA MET B 264 3.98 -20.41 3.42
C MET B 264 3.03 -19.29 3.83
N LEU B 265 2.15 -18.87 2.93
CA LEU B 265 1.20 -17.81 3.28
C LEU B 265 0.38 -18.26 4.47
N ASP B 266 0.03 -19.54 4.49
CA ASP B 266 -0.76 -20.10 5.59
C ASP B 266 -0.05 -19.95 6.94
N ARG B 267 1.26 -20.12 6.95
CA ARG B 267 2.01 -20.00 8.19
C ARG B 267 1.96 -18.60 8.79
N ILE B 268 2.25 -17.60 7.96
CA ILE B 268 2.31 -16.21 8.41
C ILE B 268 1.05 -15.32 8.32
N ASP B 269 -0.03 -15.83 7.76
CA ASP B 269 -1.27 -15.05 7.62
C ASP B 269 -1.71 -14.14 8.75
N GLY B 270 -1.93 -14.71 9.94
CA GLY B 270 -2.37 -13.91 11.06
C GLY B 270 -1.29 -12.94 11.49
N LEU B 271 -0.04 -13.35 11.33
CA LEU B 271 1.10 -12.53 11.71
C LEU B 271 1.02 -11.20 10.97
N LEU B 272 0.77 -11.31 9.67
CA LEU B 272 0.67 -10.16 8.79
C LEU B 272 -0.15 -9.02 9.37
N PHE B 273 -1.36 -9.28 9.87
CA PHE B 273 -2.17 -8.21 10.46
C PHE B 273 -1.58 -7.74 11.77
N VAL B 274 -1.13 -8.70 12.56
CA VAL B 274 -0.58 -8.39 13.87
C VAL B 274 0.54 -7.36 13.86
N ALA B 275 1.64 -7.67 13.18
CA ALA B 275 2.80 -6.77 13.13
C ALA B 275 2.52 -5.27 12.98
N PRO B 276 1.82 -4.87 11.91
CA PRO B 276 1.50 -3.46 11.68
C PRO B 276 0.80 -2.85 12.87
N VAL B 277 -0.34 -3.45 13.21
CA VAL B 277 -1.13 -2.99 14.32
C VAL B 277 -0.29 -2.95 15.60
N SER B 278 0.52 -3.99 15.82
CA SER B 278 1.34 -4.02 17.03
C SER B 278 2.42 -2.93 17.02
N TYR B 279 2.93 -2.57 15.85
CA TYR B 279 3.94 -1.50 15.76
C TYR B 279 3.28 -0.19 16.15
N ILE B 280 2.05 -0.02 15.68
CA ILE B 280 1.26 1.17 15.97
C ILE B 280 1.16 1.29 17.48
N VAL B 281 0.86 0.17 18.14
CA VAL B 281 0.74 0.17 19.58
C VAL B 281 2.06 0.53 20.25
N PHE B 282 3.14 -0.14 19.88
CA PHE B 282 4.46 0.15 20.46
C PHE B 282 4.78 1.62 20.30
N LYS B 283 4.73 2.08 19.05
CA LYS B 283 5.01 3.47 18.70
C LYS B 283 4.26 4.40 19.65
N ILE B 284 3.09 3.96 20.10
CA ILE B 284 2.25 4.73 21.02
C ILE B 284 2.64 4.62 22.49
N LEU B 285 3.13 3.44 22.87
CA LEU B 285 3.48 3.20 24.27
C LEU B 285 4.95 3.01 24.70
N GLU B 286 5.88 2.92 23.75
CA GLU B 286 7.29 2.74 24.12
C GLU B 286 8.20 3.84 23.60
N GLY B 287 7.57 4.91 23.10
CA GLY B 287 8.30 6.04 22.58
C GLY B 287 9.45 5.73 21.63
N VAL B 288 10.64 6.21 22.00
CA VAL B 288 11.83 6.00 21.19
C VAL B 288 12.87 5.22 22.00
N VAL B 289 13.31 4.13 21.43
CA VAL B 289 14.32 3.29 22.04
C VAL B 289 15.07 3.01 20.75
N ARG B 290 16.39 3.17 20.71
CA ARG B 290 17.02 3.02 19.42
C ARG B 290 18.44 2.49 19.22
#